data_5EYO
#
_entry.id   5EYO
#
_cell.length_a   32.750
_cell.length_b   306.160
_cell.length_c   49.060
_cell.angle_alpha   90.00
_cell.angle_beta   103.79
_cell.angle_gamma   90.00
#
_symmetry.space_group_name_H-M   'C 1 2 1'
#
loop_
_entity.id
_entity.type
_entity.pdbx_description
1 polymer 'Protein max'
2 polymer "DNA (5'-D(*AP*GP*TP*AP*GP*CP*AP*(1CC)P*GP*TP*GP*CP*TP*AP*CP*T)-3')"
3 water water
#
loop_
_entity_poly.entity_id
_entity_poly.type
_entity_poly.pdbx_seq_one_letter_code
_entity_poly.pdbx_strand_id
1 'polypeptide(L)'
;HMADKRAHHNALERKRRDHIKDSFHSLRDSVPSLQGEKASRAQILDKATEYIQYMRRKNHTHQQDIDDLKRQNALLEQQV
RALEKARS
;
A,C
2 'polydeoxyribonucleotide' (DA)(DG)(DT)(DA)(DG)(DC)(DA)(1CC)(DG)(DT)(DG)(DC)(DT)(DA)(DC)(DT) B,D
#
# COMPACT_ATOMS: atom_id res chain seq x y z
N HIS A 1 -2.98 -15.98 -5.08
CA HIS A 1 -3.36 -14.78 -4.37
C HIS A 1 -2.82 -13.52 -5.06
N MET A 2 -3.15 -12.35 -4.50
CA MET A 2 -2.71 -11.11 -5.12
C MET A 2 -1.21 -10.88 -4.87
N ALA A 3 -0.72 -11.23 -3.69
CA ALA A 3 0.70 -11.06 -3.40
C ALA A 3 1.56 -11.95 -4.28
N ASP A 4 1.05 -13.11 -4.67
CA ASP A 4 1.77 -13.97 -5.60
C ASP A 4 1.70 -13.42 -7.02
N LYS A 5 0.52 -12.94 -7.43
CA LYS A 5 0.37 -12.39 -8.78
C LYS A 5 1.17 -11.11 -8.95
N ARG A 6 1.30 -10.31 -7.89
CA ARG A 6 2.06 -9.07 -7.98
C ARG A 6 3.56 -9.35 -8.04
N ALA A 7 4.05 -10.24 -7.17
CA ALA A 7 5.48 -10.53 -7.13
C ALA A 7 5.98 -11.06 -8.46
N HIS A 8 5.17 -11.86 -9.15
CA HIS A 8 5.57 -12.37 -10.45
C HIS A 8 5.59 -11.26 -11.49
N HIS A 9 4.59 -10.39 -11.48
CA HIS A 9 4.57 -9.27 -12.42
C HIS A 9 5.69 -8.28 -12.13
N ASN A 10 5.97 -8.06 -10.84
CA ASN A 10 7.08 -7.18 -10.47
C ASN A 10 8.42 -7.77 -10.90
N ALA A 11 8.57 -9.09 -10.85
CA ALA A 11 9.82 -9.71 -11.26
C ALA A 11 10.06 -9.54 -12.75
N LEU A 12 9.03 -9.77 -13.56
CA LEU A 12 9.16 -9.59 -15.01
C LEU A 12 9.41 -8.13 -15.36
N GLU A 13 8.96 -7.20 -14.53
CA GLU A 13 9.16 -5.79 -14.81
C GLU A 13 10.59 -5.36 -14.49
N ARG A 14 11.16 -5.89 -13.41
CA ARG A 14 12.54 -5.53 -13.07
C ARG A 14 13.52 -6.05 -14.12
N LYS A 15 13.33 -7.28 -14.59
CA LYS A 15 14.22 -7.83 -15.60
C LYS A 15 14.14 -7.04 -16.90
N ARG A 16 12.93 -6.58 -17.26
CA ARG A 16 12.79 -5.76 -18.44
C ARG A 16 13.41 -4.37 -18.23
N ARG A 17 13.27 -3.82 -17.02
CA ARG A 17 13.82 -2.51 -16.74
C ARG A 17 15.33 -2.54 -16.58
N ASP A 18 15.90 -3.68 -16.15
CA ASP A 18 17.34 -3.83 -16.14
C ASP A 18 17.91 -3.84 -17.55
N HIS A 19 17.15 -4.37 -18.52
CA HIS A 19 17.61 -4.32 -19.91
C HIS A 19 17.58 -2.90 -20.45
N ILE A 20 16.63 -2.08 -19.99
CA ILE A 20 16.58 -0.69 -20.43
C ILE A 20 17.71 0.12 -19.81
N LYS A 21 18.01 -0.14 -18.54
CA LYS A 21 19.15 0.50 -17.89
C LYS A 21 20.45 0.16 -18.61
N ASP A 22 20.59 -1.09 -19.07
CA ASP A 22 21.75 -1.46 -19.87
C ASP A 22 21.78 -0.69 -21.17
N SER A 23 20.62 -0.41 -21.76
CA SER A 23 20.59 0.28 -23.04
C SER A 23 20.94 1.75 -22.88
N PHE A 24 20.49 2.39 -21.80
CA PHE A 24 20.94 3.75 -21.51
C PHE A 24 22.44 3.79 -21.30
N HIS A 25 22.98 2.81 -20.56
CA HIS A 25 24.42 2.72 -20.38
C HIS A 25 25.14 2.59 -21.71
N SER A 26 24.62 1.75 -22.61
CA SER A 26 25.24 1.59 -23.93
C SER A 26 25.09 2.86 -24.77
N LEU A 27 23.92 3.49 -24.70
CA LEU A 27 23.71 4.72 -25.46
C LEU A 27 24.59 5.86 -24.94
N ARG A 28 24.65 6.01 -23.62
CA ARG A 28 25.49 7.05 -23.03
C ARG A 28 26.94 6.89 -23.45
N ASP A 29 27.41 5.64 -23.53
CA ASP A 29 28.78 5.39 -23.97
C ASP A 29 28.96 5.53 -25.47
N SER A 30 27.88 5.71 -26.23
CA SER A 30 27.99 5.93 -27.67
C SER A 30 28.17 7.39 -28.03
N VAL A 31 27.89 8.32 -27.12
CA VAL A 31 28.02 9.75 -27.36
C VAL A 31 29.33 10.21 -26.72
N PRO A 32 30.26 10.77 -27.49
CA PRO A 32 31.52 11.26 -26.90
C PRO A 32 31.32 12.34 -25.85
N SER A 33 30.21 13.09 -25.92
CA SER A 33 29.95 14.12 -24.91
CA SER A 33 29.96 14.13 -24.92
C SER A 33 29.67 13.53 -23.54
N LEU A 34 28.92 12.43 -23.50
CA LEU A 34 28.52 11.83 -22.23
C LEU A 34 29.34 10.59 -21.85
N GLN A 35 30.35 10.24 -22.63
CA GLN A 35 31.09 9.00 -22.37
C GLN A 35 31.90 9.10 -21.10
N GLY A 36 31.70 8.16 -20.18
CA GLY A 36 32.46 8.08 -18.96
C GLY A 36 31.92 8.91 -17.81
N GLU A 37 31.14 9.95 -18.09
CA GLU A 37 30.58 10.80 -17.06
C GLU A 37 29.13 10.42 -16.82
N LYS A 38 28.73 10.44 -15.55
CA LYS A 38 27.36 10.08 -15.18
C LYS A 38 26.38 11.15 -15.65
N ALA A 39 25.46 10.76 -16.54
CA ALA A 39 24.47 11.67 -17.08
C ALA A 39 23.08 11.13 -16.81
N SER A 40 22.12 12.05 -16.74
CA SER A 40 20.73 11.67 -16.53
C SER A 40 20.16 11.07 -17.79
N ARG A 41 18.96 10.49 -17.66
CA ARG A 41 18.31 9.91 -18.83
C ARG A 41 17.80 10.99 -19.78
N ALA A 42 17.40 12.14 -19.24
CA ALA A 42 16.99 13.24 -20.12
C ALA A 42 18.16 13.72 -20.97
N GLN A 43 19.37 13.78 -20.40
CA GLN A 43 20.53 14.25 -21.16
C GLN A 43 20.97 13.24 -22.19
N ILE A 44 20.92 11.94 -21.85
CA ILE A 44 21.32 10.91 -22.80
C ILE A 44 20.43 10.95 -24.04
N LEU A 45 19.12 11.09 -23.83
CA LEU A 45 18.20 11.14 -24.97
C LEU A 45 18.41 12.39 -25.80
N ASP A 46 18.61 13.53 -25.15
CA ASP A 46 18.71 14.79 -25.90
C ASP A 46 20.05 14.91 -26.60
N LYS A 47 21.16 14.56 -25.92
CA LYS A 47 22.47 14.72 -26.53
C LYS A 47 22.67 13.73 -27.67
N ALA A 48 22.23 12.48 -27.50
CA ALA A 48 22.30 11.52 -28.60
C ALA A 48 21.51 12.01 -29.80
N THR A 49 20.36 12.64 -29.55
CA THR A 49 19.58 13.22 -30.64
C THR A 49 20.36 14.33 -31.33
N GLU A 50 20.99 15.22 -30.56
CA GLU A 50 21.81 16.26 -31.16
C GLU A 50 23.02 15.67 -31.87
N TYR A 51 23.60 14.60 -31.32
CA TYR A 51 24.77 13.99 -31.94
C TYR A 51 24.42 13.26 -33.23
N ILE A 52 23.21 12.70 -33.32
CA ILE A 52 22.77 12.05 -34.55
C ILE A 52 22.53 13.08 -35.65
N GLN A 53 21.97 14.24 -35.30
CA GLN A 53 21.80 15.30 -36.28
C GLN A 53 23.16 15.80 -36.77
N TYR A 54 24.14 15.87 -35.88
CA TYR A 54 25.48 16.32 -36.25
C TYR A 54 26.16 15.30 -37.16
N MET A 55 26.05 14.01 -36.84
CA MET A 55 26.70 12.99 -37.66
C MET A 55 26.05 12.89 -39.03
N ARG A 56 24.73 13.05 -39.10
CA ARG A 56 24.06 12.95 -40.39
C ARG A 56 24.44 14.11 -41.31
N ARG A 57 24.53 15.33 -40.77
CA ARG A 57 24.93 16.46 -41.58
C ARG A 57 26.39 16.37 -41.98
N LYS A 58 27.27 16.00 -41.06
CA LYS A 58 28.69 15.91 -41.38
C LYS A 58 28.98 14.77 -42.33
N ASN A 59 28.23 13.66 -42.22
CA ASN A 59 28.40 12.58 -43.19
C ASN A 59 27.81 12.95 -44.55
N HIS A 60 26.82 13.85 -44.57
CA HIS A 60 26.25 14.26 -45.84
C HIS A 60 27.20 15.20 -46.59
N THR A 61 27.82 16.12 -45.87
CA THR A 61 28.77 17.03 -46.51
C THR A 61 30.03 16.30 -46.95
N HIS A 62 30.51 15.36 -46.14
CA HIS A 62 31.68 14.57 -46.54
C HIS A 62 31.39 13.77 -47.80
N GLN A 63 30.19 13.21 -47.91
CA GLN A 63 29.82 12.49 -49.13
C GLN A 63 29.81 13.44 -50.32
N GLN A 64 29.34 14.68 -50.11
CA GLN A 64 29.38 15.68 -51.17
C GLN A 64 30.82 16.02 -51.57
N ASP A 65 31.72 16.08 -50.59
CA ASP A 65 33.11 16.41 -50.88
C ASP A 65 33.80 15.28 -51.64
N ILE A 66 33.46 14.03 -51.32
CA ILE A 66 34.03 12.90 -52.04
C ILE A 66 33.63 12.94 -53.51
N ASP A 67 32.38 13.33 -53.79
CA ASP A 67 31.94 13.41 -55.18
C ASP A 67 32.63 14.55 -55.92
N ASP A 68 32.88 15.66 -55.24
CA ASP A 68 33.59 16.78 -55.86
C ASP A 68 35.01 16.36 -56.27
N LEU A 69 35.78 15.84 -55.31
CA LEU A 69 37.15 15.45 -55.60
C LEU A 69 37.23 14.34 -56.64
N LYS A 70 36.26 13.44 -56.66
CA LYS A 70 36.26 12.38 -57.68
C LYS A 70 36.06 12.97 -59.07
N ARG A 71 35.09 13.89 -59.21
CA ARG A 71 34.94 14.60 -60.47
C ARG A 71 36.18 15.42 -60.80
N GLN A 72 36.82 15.99 -59.79
CA GLN A 72 38.03 16.76 -60.05
C GLN A 72 39.21 15.85 -60.38
N ASN A 73 39.29 14.69 -59.73
CA ASN A 73 40.30 13.70 -60.11
C ASN A 73 40.10 13.23 -61.55
N ALA A 74 38.84 13.18 -62.01
CA ALA A 74 38.58 12.68 -63.36
C ALA A 74 39.07 13.66 -64.41
N LEU A 75 38.83 14.96 -64.21
CA LEU A 75 39.33 15.96 -65.14
C LEU A 75 40.85 16.08 -65.10
N LEU A 76 41.46 15.82 -63.94
CA LEU A 76 42.91 15.88 -63.84
C LEU A 76 43.56 14.66 -64.48
N GLU A 77 43.02 13.47 -64.24
CA GLU A 77 43.56 12.28 -64.88
C GLU A 77 43.45 12.36 -66.40
N GLN A 78 42.35 12.92 -66.90
CA GLN A 78 42.19 13.05 -68.35
C GLN A 78 43.15 14.09 -68.92
N GLN A 79 43.39 15.17 -68.18
CA GLN A 79 44.31 16.19 -68.65
C GLN A 79 45.75 15.69 -68.64
N VAL A 80 46.09 14.78 -67.74
CA VAL A 80 47.42 14.16 -67.76
C VAL A 80 47.54 13.23 -68.96
N ARG A 81 46.52 12.39 -69.19
CA ARG A 81 46.57 11.46 -70.32
C ARG A 81 46.62 12.21 -71.65
N ALA A 82 45.97 13.37 -71.74
CA ALA A 82 46.05 14.16 -72.96
C ALA A 82 47.43 14.79 -73.12
N LEU A 83 47.94 15.41 -72.05
CA LEU A 83 49.26 16.04 -72.11
C LEU A 83 50.38 15.02 -72.29
N GLU A 84 50.15 13.76 -71.90
CA GLU A 84 51.13 12.72 -72.14
C GLU A 84 51.14 12.25 -73.59
N LYS A 85 50.13 12.61 -74.38
CA LYS A 85 50.14 12.31 -75.81
C LYS A 85 51.03 13.27 -76.60
N ALA A 86 51.44 14.38 -76.00
CA ALA A 86 52.33 15.33 -76.65
C ALA A 86 53.77 15.01 -76.28
N ARG A 87 54.70 15.88 -76.68
CA ARG A 87 56.11 15.69 -76.39
C ARG A 87 56.84 17.04 -76.29
N HIS C 1 12.69 6.75 8.69
CA HIS C 1 11.98 6.22 7.53
C HIS C 1 10.51 6.01 7.83
N MET C 2 9.67 6.14 6.80
CA MET C 2 8.23 5.99 7.00
C MET C 2 7.86 4.55 7.35
N ALA C 3 8.60 3.58 6.85
CA ALA C 3 8.31 2.18 7.16
C ALA C 3 8.53 1.88 8.64
N ASP C 4 9.55 2.50 9.23
CA ASP C 4 9.79 2.30 10.67
C ASP C 4 8.78 3.05 11.51
N LYS C 5 8.33 4.21 11.06
CA LYS C 5 7.29 4.95 11.77
C LYS C 5 5.94 4.25 11.67
N ARG C 6 5.66 3.59 10.54
CA ARG C 6 4.41 2.87 10.38
C ARG C 6 4.41 1.59 11.19
N ALA C 7 5.55 0.88 11.22
CA ALA C 7 5.62 -0.37 11.98
C ALA C 7 5.42 -0.12 13.47
N HIS C 8 6.05 0.92 14.02
CA HIS C 8 5.83 1.26 15.41
C HIS C 8 4.39 1.64 15.66
N HIS C 9 3.77 2.35 14.72
CA HIS C 9 2.35 2.68 14.84
C HIS C 9 1.48 1.43 14.77
N ASN C 10 1.79 0.52 13.85
CA ASN C 10 1.01 -0.71 13.75
C ASN C 10 1.18 -1.58 14.99
N ALA C 11 2.39 -1.58 15.58
CA ALA C 11 2.64 -2.41 16.75
C ALA C 11 1.80 -1.96 17.94
N LEU C 12 1.77 -0.65 18.21
CA LEU C 12 0.97 -0.15 19.32
C LEU C 12 -0.52 -0.34 19.06
N GLU C 13 -0.93 -0.36 17.79
CA GLU C 13 -2.35 -0.52 17.48
C GLU C 13 -2.80 -1.97 17.66
N ARG C 14 -1.94 -2.93 17.34
CA ARG C 14 -2.31 -4.33 17.52
C ARG C 14 -2.45 -4.68 19.00
N LYS C 15 -1.55 -4.18 19.84
CA LYS C 15 -1.66 -4.42 21.27
C LYS C 15 -2.96 -3.84 21.82
N ARG C 16 -3.32 -2.64 21.38
CA ARG C 16 -4.59 -2.04 21.80
C ARG C 16 -5.78 -2.82 21.25
N ARG C 17 -5.65 -3.36 20.04
CA ARG C 17 -6.76 -4.10 19.44
C ARG C 17 -6.88 -5.52 19.99
N ASP C 18 -5.76 -6.11 20.44
CA ASP C 18 -5.84 -7.38 21.13
C ASP C 18 -6.59 -7.25 22.46
N HIS C 19 -6.39 -6.14 23.17
CA HIS C 19 -7.13 -5.95 24.42
CA HIS C 19 -7.12 -5.95 24.42
C HIS C 19 -8.61 -5.76 24.16
N ILE C 20 -8.96 -5.10 23.06
CA ILE C 20 -10.37 -4.96 22.68
C ILE C 20 -10.95 -6.31 22.30
N LYS C 21 -10.18 -7.13 21.57
CA LYS C 21 -10.62 -8.48 21.27
C LYS C 21 -10.82 -9.29 22.54
N ASP C 22 -9.93 -9.12 23.53
CA ASP C 22 -10.12 -9.78 24.82
C ASP C 22 -11.40 -9.30 25.49
N SER C 23 -11.73 -8.02 25.34
CA SER C 23 -12.95 -7.50 25.95
C SER C 23 -14.20 -8.07 25.29
N PHE C 24 -14.11 -8.47 24.02
CA PHE C 24 -15.27 -9.04 23.36
C PHE C 24 -15.56 -10.46 23.84
N HIS C 25 -14.52 -11.28 24.01
CA HIS C 25 -14.73 -12.62 24.56
C HIS C 25 -15.27 -12.55 25.98
N SER C 26 -14.85 -11.55 26.76
CA SER C 26 -15.41 -11.35 28.10
C SER C 26 -16.90 -11.07 28.03
N LEU C 27 -17.29 -10.05 27.25
CA LEU C 27 -18.70 -9.73 27.11
C LEU C 27 -19.49 -10.87 26.48
N ARG C 28 -18.86 -11.64 25.58
CA ARG C 28 -19.55 -12.78 24.99
C ARG C 28 -19.91 -13.81 26.05
N ASP C 29 -18.95 -14.18 26.89
CA ASP C 29 -19.17 -15.16 27.94
C ASP C 29 -19.98 -14.62 29.11
N SER C 30 -20.19 -13.30 29.18
CA SER C 30 -21.03 -12.72 30.23
C SER C 30 -22.51 -12.82 29.90
N VAL C 31 -22.87 -13.07 28.64
CA VAL C 31 -24.26 -13.21 28.23
C VAL C 31 -24.56 -14.70 28.09
N PRO C 32 -25.56 -15.23 28.79
CA PRO C 32 -25.84 -16.67 28.69
C PRO C 32 -26.24 -17.12 27.28
N SER C 33 -26.85 -16.24 26.49
CA SER C 33 -27.25 -16.61 25.14
C SER C 33 -26.05 -16.95 24.27
N LEU C 34 -24.97 -16.18 24.41
CA LEU C 34 -23.79 -16.33 23.56
C LEU C 34 -22.66 -17.10 24.23
N GLN C 35 -22.87 -17.57 25.45
CA GLN C 35 -21.80 -18.24 26.20
C GLN C 35 -21.42 -19.56 25.51
N GLY C 36 -20.15 -19.70 25.16
CA GLY C 36 -19.61 -20.92 24.60
C GLY C 36 -19.64 -21.01 23.09
N GLU C 37 -20.49 -20.25 22.42
CA GLU C 37 -20.63 -20.31 20.98
C GLU C 37 -19.99 -19.09 20.34
N LYS C 38 -19.44 -19.29 19.14
CA LYS C 38 -18.85 -18.19 18.38
C LYS C 38 -19.94 -17.23 17.94
N ALA C 39 -19.77 -15.96 18.26
CA ALA C 39 -20.74 -14.92 17.96
C ALA C 39 -20.05 -13.72 17.35
N SER C 40 -20.71 -13.10 16.37
CA SER C 40 -20.13 -11.92 15.73
C SER C 40 -20.15 -10.75 16.70
N ARG C 41 -19.32 -9.75 16.39
CA ARG C 41 -19.27 -8.55 17.22
C ARG C 41 -20.60 -7.82 17.21
N ALA C 42 -21.33 -7.85 16.09
CA ALA C 42 -22.64 -7.22 16.05
C ALA C 42 -23.61 -7.91 16.99
N GLN C 43 -23.58 -9.25 17.02
CA GLN C 43 -24.48 -9.99 17.90
C GLN C 43 -24.12 -9.78 19.36
N ILE C 44 -22.82 -9.75 19.68
CA ILE C 44 -22.40 -9.55 21.06
C ILE C 44 -22.89 -8.20 21.57
N LEU C 45 -22.84 -7.17 20.73
CA LEU C 45 -23.26 -5.84 21.17
C LEU C 45 -24.78 -5.76 21.35
N ASP C 46 -25.54 -6.30 20.40
CA ASP C 46 -26.99 -6.18 20.46
C ASP C 46 -27.57 -7.08 21.56
N LYS C 47 -26.99 -8.26 21.76
CA LYS C 47 -27.51 -9.14 22.81
C LYS C 47 -27.10 -8.66 24.20
N ALA C 48 -25.93 -8.03 24.32
CA ALA C 48 -25.54 -7.45 25.61
C ALA C 48 -26.51 -6.35 26.02
N THR C 49 -26.94 -5.53 25.05
CA THR C 49 -27.89 -4.46 25.36
C THR C 49 -29.23 -5.04 25.82
N GLU C 50 -29.80 -5.97 25.04
CA GLU C 50 -31.09 -6.54 25.42
C GLU C 50 -31.00 -7.32 26.72
N TYR C 51 -29.82 -7.88 27.03
CA TYR C 51 -29.65 -8.56 28.30
C TYR C 51 -29.55 -7.57 29.46
N ILE C 52 -28.99 -6.38 29.21
CA ILE C 52 -28.90 -5.37 30.26
C ILE C 52 -30.28 -4.75 30.52
N GLN C 53 -31.01 -4.43 29.45
CA GLN C 53 -32.36 -3.91 29.63
C GLN C 53 -33.26 -4.92 30.30
N TYR C 54 -33.04 -6.21 30.01
CA TYR C 54 -33.77 -7.27 30.71
C TYR C 54 -33.41 -7.31 32.19
N MET C 55 -32.13 -7.11 32.52
CA MET C 55 -31.71 -7.19 33.91
C MET C 55 -32.16 -5.98 34.71
N ARG C 56 -32.18 -4.80 34.09
CA ARG C 56 -32.66 -3.61 34.80
C ARG C 56 -34.15 -3.73 35.12
N ARG C 57 -34.95 -4.18 34.16
CA ARG C 57 -36.37 -4.41 34.42
C ARG C 57 -36.56 -5.52 35.45
N LYS C 58 -35.81 -6.61 35.30
CA LYS C 58 -35.90 -7.70 36.27
C LYS C 58 -35.45 -7.25 37.65
N ASN C 59 -34.49 -6.33 37.71
CA ASN C 59 -34.08 -5.77 39.00
C ASN C 59 -35.11 -4.80 39.55
N HIS C 60 -35.80 -4.07 38.66
CA HIS C 60 -36.80 -3.11 39.11
C HIS C 60 -38.00 -3.80 39.75
N THR C 61 -38.49 -4.88 39.12
CA THR C 61 -39.63 -5.60 39.67
C THR C 61 -39.26 -6.35 40.94
N HIS C 62 -38.03 -6.88 41.02
CA HIS C 62 -37.61 -7.61 42.20
C HIS C 62 -37.53 -6.69 43.42
N GLN C 63 -37.01 -5.47 43.25
CA GLN C 63 -36.95 -4.54 44.38
C GLN C 63 -38.34 -4.10 44.80
N GLN C 64 -39.25 -3.91 43.84
CA GLN C 64 -40.64 -3.61 44.18
C GLN C 64 -41.31 -4.78 44.87
N ASP C 65 -40.96 -6.02 44.50
CA ASP C 65 -41.52 -7.18 45.16
C ASP C 65 -41.01 -7.29 46.60
N ILE C 66 -39.74 -7.01 46.82
CA ILE C 66 -39.20 -7.09 48.18
C ILE C 66 -39.86 -6.05 49.08
N ASP C 67 -40.07 -4.84 48.56
CA ASP C 67 -40.72 -3.80 49.36
C ASP C 67 -42.14 -4.20 49.73
N ASP C 68 -42.87 -4.83 48.80
CA ASP C 68 -44.22 -5.29 49.10
C ASP C 68 -44.20 -6.43 50.13
N LEU C 69 -43.29 -7.38 49.96
CA LEU C 69 -43.20 -8.48 50.92
C LEU C 69 -42.80 -7.98 52.30
N LYS C 70 -41.93 -6.97 52.37
CA LYS C 70 -41.53 -6.44 53.66
C LYS C 70 -42.70 -5.76 54.37
N ARG C 71 -43.50 -4.98 53.63
CA ARG C 71 -44.65 -4.32 54.23
C ARG C 71 -45.74 -5.31 54.64
N GLN C 72 -45.74 -6.50 54.04
CA GLN C 72 -46.73 -7.51 54.43
C GLN C 72 -46.37 -8.19 55.73
N ASN C 73 -45.07 -8.40 56.00
CA ASN C 73 -44.67 -8.98 57.27
C ASN C 73 -44.86 -8.00 58.42
N ALA C 74 -44.57 -6.72 58.18
CA ALA C 74 -44.87 -5.71 59.19
C ALA C 74 -46.34 -5.76 59.61
N LEU C 75 -47.23 -5.98 58.63
CA LEU C 75 -48.65 -6.08 58.95
C LEU C 75 -48.97 -7.43 59.59
N LEU C 76 -48.41 -8.51 59.06
CA LEU C 76 -48.60 -9.82 59.69
C LEU C 76 -48.00 -9.86 61.09
N GLU C 77 -46.88 -9.16 61.30
CA GLU C 77 -46.31 -9.09 62.65
C GLU C 77 -47.20 -8.27 63.58
N GLN C 78 -47.82 -7.20 63.06
CA GLN C 78 -48.78 -6.46 63.86
C GLN C 78 -49.98 -7.33 64.23
N GLN C 79 -50.42 -8.16 63.29
CA GLN C 79 -51.56 -9.03 63.56
C GLN C 79 -51.22 -10.11 64.58
N VAL C 80 -49.97 -10.58 64.60
CA VAL C 80 -49.57 -11.56 65.61
C VAL C 80 -49.52 -10.92 66.98
N ARG C 81 -48.89 -9.74 67.08
CA ARG C 81 -48.81 -9.06 68.37
C ARG C 81 -50.19 -8.66 68.88
N ALA C 82 -51.13 -8.37 67.97
CA ALA C 82 -52.47 -8.00 68.39
C ALA C 82 -53.24 -9.20 68.92
N LEU C 83 -53.12 -10.36 68.25
CA LEU C 83 -53.75 -11.57 68.75
C LEU C 83 -53.11 -12.02 70.06
N GLU C 84 -51.78 -11.87 70.18
CA GLU C 84 -51.11 -12.21 71.44
C GLU C 84 -51.60 -11.33 72.58
N LYS C 85 -51.88 -10.06 72.29
CA LYS C 85 -52.31 -9.13 73.34
C LYS C 85 -53.80 -9.27 73.66
N ALA C 86 -54.57 -9.85 72.75
CA ALA C 86 -56.01 -10.00 72.94
C ALA C 86 -56.40 -11.27 73.71
N ARG C 87 -55.42 -12.07 74.11
CA ARG C 87 -55.71 -13.29 74.86
C ARG C 87 -56.20 -12.92 76.26
N SER C 88 -56.55 -13.95 77.03
CA SER C 88 -57.05 -13.74 78.38
C SER C 88 -56.53 -14.80 79.34
#